data_6VQP
#
_entry.id   6VQP
#
_cell.length_a   53.951
_cell.length_b   53.951
_cell.length_c   218.923
_cell.angle_alpha   90.000
_cell.angle_beta   90.000
_cell.angle_gamma   90.000
#
_symmetry.space_group_name_H-M   'P 43 21 2'
#
loop_
_entity.id
_entity.type
_entity.pdbx_description
1 polymer CalU17
2 polymer 'CalU17 His-Tagged protein'
3 non-polymer 'MAGNESIUM ION'
4 non-polymer GLYCEROL
5 water water
#
loop_
_entity_poly.entity_id
_entity_poly.type
_entity_poly.pdbx_seq_one_letter_code
_entity_poly.pdbx_strand_id
1 'polypeptide(L)'
;MGSSHHHHHHSSGLVPRGSMARIGDLDAARPAPEAVPGDMVRIPGGTFLQGSPERTLDWLDREGQAFPRDWFTDETPQIP
VTLPDYLIDRHQVTVAQFAAFVSRTGYVTSAERAGGSMVYGEQYWEIREGACWHRPAGYGSGIRGRDDHPVVHISFADAE
AYARWAGRRLPTESEWERAATGPSYRLWPWGDTWDSRNANTAEHTAGALGDLDAWRTWWGAIHAVQGPMPQTTPVGAFSP
RGDSVDGCADMTGNVYEWTSTLAHLYSPATRCDPTIHLVMGRSRVIRGGSWMNFRYQVRCAERLYGDPTGWSNFALGFRC
ARDVTAVPHVDDNGR
;
A
2 'polypeptide(L)' MGSSHHHHHHSSGLVPRGS Q
#
# COMPACT_ATOMS: atom_id res chain seq x y z
N ALA A 35 -10.35 -24.91 -8.39
CA ALA A 35 -9.21 -24.28 -9.05
C ALA A 35 -8.92 -22.88 -8.50
N VAL A 36 -8.33 -22.84 -7.30
CA VAL A 36 -7.70 -21.64 -6.78
C VAL A 36 -6.21 -21.68 -7.17
N PRO A 37 -5.73 -20.73 -7.97
CA PRO A 37 -4.31 -20.73 -8.30
C PRO A 37 -3.46 -20.81 -7.05
N GLY A 38 -2.29 -21.42 -7.20
CA GLY A 38 -1.47 -21.66 -6.03
C GLY A 38 -0.97 -20.40 -5.35
N ASP A 39 -0.90 -19.28 -6.08
CA ASP A 39 -0.38 -18.04 -5.54
C ASP A 39 -1.47 -17.14 -4.99
N MET A 40 -2.72 -17.61 -4.96
CA MET A 40 -3.87 -16.86 -4.46
C MET A 40 -4.52 -17.59 -3.30
N VAL A 41 -5.38 -16.85 -2.59
CA VAL A 41 -6.21 -17.39 -1.52
C VAL A 41 -7.67 -17.03 -1.78
N ARG A 42 -8.55 -17.86 -1.26
CA ARG A 42 -9.99 -17.70 -1.45
C ARG A 42 -10.52 -16.99 -0.23
N ILE A 43 -11.17 -15.85 -0.44
CA ILE A 43 -11.82 -15.12 0.64
C ILE A 43 -13.29 -15.56 0.65
N PRO A 44 -13.79 -16.11 1.76
CA PRO A 44 -15.19 -16.56 1.78
C PRO A 44 -16.16 -15.39 1.73
N GLY A 45 -17.24 -15.56 0.98
CA GLY A 45 -18.25 -14.53 0.87
C GLY A 45 -18.91 -14.25 2.21
N GLY A 46 -19.43 -13.04 2.33
CA GLY A 46 -19.98 -12.59 3.59
C GLY A 46 -20.33 -11.12 3.54
N THR A 47 -20.87 -10.64 4.63
CA THR A 47 -21.11 -9.23 4.82
C THR A 47 -20.22 -8.75 5.95
N PHE A 48 -19.54 -7.63 5.73
CA PHE A 48 -18.61 -7.16 6.76
C PHE A 48 -18.78 -5.66 6.88
N LEU A 49 -18.32 -5.14 8.00
CA LEU A 49 -18.35 -3.72 8.29
C LEU A 49 -17.07 -3.04 7.77
N GLN A 50 -17.17 -2.40 6.61
CA GLN A 50 -16.03 -1.67 6.07
C GLN A 50 -15.84 -0.35 6.80
N GLY A 51 -14.59 -0.02 7.09
CA GLY A 51 -14.27 1.23 7.76
C GLY A 51 -13.95 1.06 9.24
N SER A 52 -13.91 2.20 9.92
CA SER A 52 -13.47 2.24 11.31
C SER A 52 -14.57 2.78 12.22
N PRO A 53 -14.77 2.17 13.39
CA PRO A 53 -15.76 2.72 14.32
C PRO A 53 -15.27 4.02 14.96
N GLU A 54 -16.23 4.80 15.48
CA GLU A 54 -15.87 6.06 16.13
C GLU A 54 -14.88 5.86 17.28
N ARG A 55 -15.00 4.74 18.00
CA ARG A 55 -14.12 4.55 19.15
C ARG A 55 -12.66 4.42 18.71
N THR A 56 -12.42 3.90 17.50
CA THR A 56 -11.05 3.88 16.99
C THR A 56 -10.53 5.28 16.71
N LEU A 57 -11.37 6.16 16.14
CA LEU A 57 -10.91 7.53 15.91
C LEU A 57 -10.67 8.26 17.22
N ASP A 58 -11.53 8.05 18.22
CA ASP A 58 -11.27 8.60 19.56
C ASP A 58 -9.95 8.10 20.09
N TRP A 59 -9.66 6.81 19.88
CA TRP A 59 -8.40 6.25 20.33
C TRP A 59 -7.23 6.93 19.64
N LEU A 60 -7.35 7.16 18.33
CA LEU A 60 -6.28 7.83 17.61
C LEU A 60 -6.05 9.23 18.15
N ASP A 61 -7.15 9.96 18.47
CA ASP A 61 -7.04 11.33 18.95
C ASP A 61 -6.25 11.38 20.25
N ARG A 62 -6.34 10.33 21.06
CA ARG A 62 -5.64 10.30 22.34
C ARG A 62 -4.26 9.66 22.26
N GLU A 63 -3.91 9.00 21.15
CA GLU A 63 -2.56 8.48 21.02
C GLU A 63 -1.58 9.62 20.79
N GLY A 64 -0.31 9.31 20.98
CA GLY A 64 0.72 10.26 20.60
C GLY A 64 1.03 10.11 19.12
N GLN A 65 0.23 10.78 18.28
CA GLN A 65 0.45 10.75 16.85
C GLN A 65 -0.08 12.05 16.28
N ALA A 66 0.46 12.45 15.13
CA ALA A 66 0.36 13.86 14.71
C ALA A 66 -0.96 14.22 14.04
N PHE A 67 -1.65 13.24 13.36
CA PHE A 67 -2.61 13.78 12.41
C PHE A 67 -3.97 14.02 13.06
N PRO A 68 -4.69 15.06 12.62
CA PRO A 68 -5.98 15.36 13.23
C PRO A 68 -7.03 14.35 12.81
N ARG A 69 -8.14 14.37 13.57
CA ARG A 69 -9.22 13.41 13.35
C ARG A 69 -9.71 13.44 11.91
N ASP A 70 -9.76 14.63 11.29
CA ASP A 70 -10.34 14.66 9.97
C ASP A 70 -9.40 14.11 8.91
N TRP A 71 -8.25 13.57 9.31
CA TRP A 71 -7.45 12.72 8.45
C TRP A 71 -7.91 11.28 8.44
N PHE A 72 -8.76 10.90 9.39
CA PHE A 72 -9.24 9.54 9.52
C PHE A 72 -10.74 9.42 9.31
N THR A 73 -11.48 10.53 9.23
CA THR A 73 -12.92 10.41 9.06
C THR A 73 -13.30 9.87 7.71
N ASP A 74 -12.37 9.82 6.74
CA ASP A 74 -12.70 9.17 5.49
C ASP A 74 -12.91 7.66 5.66
N GLU A 75 -12.58 7.11 6.83
CA GLU A 75 -12.86 5.71 7.13
C GLU A 75 -14.24 5.51 7.76
N THR A 76 -15.07 6.56 7.80
CA THR A 76 -16.30 6.57 8.57
C THR A 76 -17.44 7.12 7.72
N PRO A 77 -18.70 6.74 8.04
CA PRO A 77 -19.00 5.71 9.02
C PRO A 77 -18.76 4.31 8.48
N GLN A 78 -18.72 3.33 9.36
CA GLN A 78 -18.64 1.96 8.87
C GLN A 78 -19.90 1.66 8.07
N ILE A 79 -19.75 0.91 6.98
CA ILE A 79 -20.90 0.56 6.14
C ILE A 79 -20.96 -0.95 5.95
N PRO A 80 -22.15 -1.55 5.86
CA PRO A 80 -22.23 -2.99 5.55
C PRO A 80 -21.91 -3.23 4.09
N VAL A 81 -21.04 -4.20 3.83
CA VAL A 81 -20.58 -4.51 2.50
C VAL A 81 -20.68 -6.01 2.31
N THR A 82 -21.41 -6.40 1.29
CA THR A 82 -21.63 -7.80 0.97
C THR A 82 -20.79 -8.15 -0.25
N LEU A 83 -19.99 -9.20 -0.11
CA LEU A 83 -19.13 -9.71 -1.16
C LEU A 83 -19.35 -11.21 -1.34
N PRO A 84 -19.24 -11.72 -2.56
CA PRO A 84 -19.23 -13.16 -2.76
C PRO A 84 -17.86 -13.73 -2.40
N ASP A 85 -17.71 -15.05 -2.60
CA ASP A 85 -16.38 -15.64 -2.63
C ASP A 85 -15.56 -14.91 -3.67
N TYR A 86 -14.29 -14.64 -3.37
CA TYR A 86 -13.41 -14.08 -4.40
C TYR A 86 -11.99 -14.49 -4.11
N LEU A 87 -11.11 -14.27 -5.09
CA LEU A 87 -9.71 -14.65 -4.96
C LEU A 87 -8.83 -13.41 -4.87
N ILE A 88 -7.78 -13.51 -4.06
CA ILE A 88 -6.81 -12.44 -3.98
C ILE A 88 -5.42 -13.03 -3.82
N ASP A 89 -4.43 -12.34 -4.43
CA ASP A 89 -3.04 -12.77 -4.33
C ASP A 89 -2.57 -12.87 -2.88
N ARG A 90 -1.81 -13.94 -2.59
CA ARG A 90 -1.17 -14.06 -1.29
C ARG A 90 -0.15 -12.95 -1.06
N HIS A 91 0.60 -12.59 -2.10
CA HIS A 91 1.72 -11.66 -2.01
C HIS A 91 1.53 -10.52 -2.99
N GLN A 92 2.16 -9.40 -2.67
CA GLN A 92 2.34 -8.33 -3.64
C GLN A 92 3.08 -8.87 -4.86
N VAL A 93 2.80 -8.28 -6.03
CA VAL A 93 3.55 -8.66 -7.24
C VAL A 93 5.02 -8.30 -7.06
N THR A 94 5.90 -9.24 -7.38
CA THR A 94 7.31 -9.06 -7.12
C THR A 94 8.03 -8.48 -8.33
N VAL A 95 9.30 -8.14 -8.11
CA VAL A 95 10.15 -7.62 -9.18
C VAL A 95 10.33 -8.68 -10.27
N ALA A 96 10.65 -9.91 -9.86
CA ALA A 96 10.79 -11.03 -10.79
C ALA A 96 9.53 -11.23 -11.64
N GLN A 97 8.37 -11.14 -11.02
CA GLN A 97 7.11 -11.36 -11.72
C GLN A 97 6.86 -10.23 -12.73
N PHE A 98 7.08 -8.98 -12.31
CA PHE A 98 6.91 -7.86 -13.24
C PHE A 98 7.90 -7.92 -14.39
N ALA A 99 9.14 -8.33 -14.09
CA ALA A 99 10.17 -8.49 -15.12
C ALA A 99 9.71 -9.46 -16.20
N ALA A 100 9.10 -10.57 -15.79
CA ALA A 100 8.67 -11.57 -16.76
C ALA A 100 7.56 -11.02 -17.64
N PHE A 101 6.68 -10.21 -17.07
CA PHE A 101 5.68 -9.48 -17.87
C PHE A 101 6.34 -8.57 -18.90
N VAL A 102 7.27 -7.74 -18.45
CA VAL A 102 7.96 -6.82 -19.36
C VAL A 102 8.72 -7.58 -20.44
N SER A 103 9.45 -8.62 -20.04
CA SER A 103 10.22 -9.45 -20.98
C SER A 103 9.33 -10.01 -22.09
N ARG A 104 8.16 -10.49 -21.73
CA ARG A 104 7.28 -11.15 -22.69
C ARG A 104 6.43 -10.18 -23.49
N THR A 105 6.23 -8.95 -23.03
CA THR A 105 5.39 -8.01 -23.75
C THR A 105 6.09 -6.76 -24.25
N GLY A 106 7.27 -6.43 -23.74
CA GLY A 106 7.88 -5.16 -24.08
C GLY A 106 7.25 -3.96 -23.40
N TYR A 107 6.36 -4.17 -22.43
CA TYR A 107 5.66 -3.08 -21.78
C TYR A 107 6.63 -2.03 -21.27
N VAL A 108 6.30 -0.77 -21.49
CA VAL A 108 7.05 0.36 -20.98
C VAL A 108 6.19 1.03 -19.92
N THR A 109 6.75 1.28 -18.74
CA THR A 109 5.93 1.81 -17.65
C THR A 109 5.79 3.34 -17.76
N SER A 110 4.75 3.88 -17.13
CA SER A 110 4.58 5.32 -17.08
C SER A 110 5.88 6.04 -16.70
N ALA A 111 6.56 5.56 -15.65
CA ALA A 111 7.75 6.26 -15.17
C ALA A 111 8.84 6.32 -16.23
N GLU A 112 9.02 5.24 -16.96
CA GLU A 112 10.02 5.25 -18.03
C GLU A 112 9.64 6.22 -19.13
N ARG A 113 8.35 6.27 -19.49
CA ARG A 113 7.89 7.26 -20.48
C ARG A 113 8.10 8.68 -20.00
N ALA A 114 7.90 8.93 -18.71
CA ALA A 114 8.06 10.27 -18.18
C ALA A 114 9.50 10.64 -17.90
N GLY A 115 10.42 9.68 -17.90
CA GLY A 115 11.81 9.97 -17.57
C GLY A 115 12.16 10.06 -16.09
N GLY A 116 11.18 9.94 -15.21
CA GLY A 116 11.46 10.06 -13.79
C GLY A 116 10.28 9.57 -12.98
N SER A 117 10.53 9.42 -11.68
CA SER A 117 9.46 9.02 -10.77
C SER A 117 9.82 9.49 -9.36
N MET A 118 8.87 9.34 -8.44
CA MET A 118 9.02 9.98 -7.13
C MET A 118 9.79 9.10 -6.15
N VAL A 119 10.70 9.73 -5.41
CA VAL A 119 11.35 9.12 -4.26
C VAL A 119 11.22 10.11 -3.12
N TYR A 120 11.24 9.57 -1.90
CA TYR A 120 11.13 10.40 -0.72
C TYR A 120 12.52 10.81 -0.29
N GLY A 121 12.77 12.11 -0.29
CA GLY A 121 14.05 12.67 0.13
C GLY A 121 14.11 12.93 1.61
N GLU A 122 14.90 13.92 2.01
CA GLU A 122 15.04 14.16 3.44
C GLU A 122 13.77 14.75 4.04
N GLN A 123 13.04 15.52 3.27
CA GLN A 123 11.85 16.18 3.83
C GLN A 123 10.60 15.91 3.02
N TYR A 124 10.70 15.88 1.69
CA TYR A 124 9.54 15.76 0.82
C TYR A 124 9.78 14.72 -0.27
N TRP A 125 8.68 14.31 -0.89
CA TRP A 125 8.73 13.59 -2.14
C TRP A 125 9.39 14.44 -3.19
N GLU A 126 10.29 13.83 -3.95
CA GLU A 126 10.95 14.52 -5.04
C GLU A 126 11.04 13.62 -6.25
N ILE A 127 11.00 14.24 -7.41
CA ILE A 127 11.20 13.51 -8.65
C ILE A 127 12.67 13.15 -8.78
N ARG A 128 12.93 11.92 -9.19
CA ARG A 128 14.27 11.41 -9.39
C ARG A 128 14.35 10.90 -10.81
N GLU A 129 15.26 11.50 -11.58
CA GLU A 129 15.42 11.14 -12.98
C GLU A 129 15.81 9.68 -13.10
N GLY A 130 15.21 8.99 -14.08
CA GLY A 130 15.49 7.58 -14.30
C GLY A 130 14.85 6.62 -13.34
N ALA A 131 14.20 7.10 -12.29
CA ALA A 131 13.61 6.17 -11.34
C ALA A 131 12.45 5.44 -12.00
N CYS A 132 12.42 4.13 -11.81
CA CYS A 132 11.41 3.23 -12.36
C CYS A 132 11.62 1.88 -11.68
N TRP A 133 10.80 0.89 -12.05
CA TRP A 133 10.83 -0.39 -11.35
C TRP A 133 12.21 -1.03 -11.35
N HIS A 134 13.01 -0.81 -12.40
CA HIS A 134 14.32 -1.44 -12.45
C HIS A 134 15.46 -0.49 -12.09
N ARG A 135 15.15 0.78 -11.77
N ARG A 135 15.15 0.78 -11.77
CA ARG A 135 16.10 1.73 -11.19
CA ARG A 135 16.12 1.73 -11.20
C ARG A 135 15.41 2.41 -10.01
C ARG A 135 15.42 2.41 -10.02
N PRO A 136 15.24 1.69 -8.91
CA PRO A 136 14.30 2.17 -7.88
C PRO A 136 14.68 3.49 -7.29
N ALA A 137 15.97 3.80 -7.21
CA ALA A 137 16.42 5.09 -6.74
C ALA A 137 16.99 5.96 -7.87
N GLY A 138 16.59 5.71 -9.11
CA GLY A 138 17.05 6.53 -10.21
C GLY A 138 18.31 5.98 -10.85
N TYR A 139 18.81 6.72 -11.84
CA TYR A 139 20.06 6.33 -12.50
C TYR A 139 21.15 6.10 -11.46
N GLY A 140 21.87 4.98 -11.60
CA GLY A 140 22.87 4.59 -10.64
C GLY A 140 22.41 3.55 -9.65
N SER A 141 21.15 3.11 -9.74
CA SER A 141 20.62 2.04 -8.91
C SER A 141 20.06 0.92 -9.78
N GLY A 142 19.81 -0.22 -9.13
CA GLY A 142 19.29 -1.38 -9.81
C GLY A 142 18.62 -2.26 -8.78
N ILE A 143 18.08 -3.39 -9.25
CA ILE A 143 17.26 -4.25 -8.41
C ILE A 143 17.99 -5.53 -8.11
N ARG A 144 19.32 -5.46 -8.12
CA ARG A 144 20.15 -6.65 -8.03
C ARG A 144 19.85 -7.40 -6.75
N GLY A 145 19.48 -8.67 -6.88
CA GLY A 145 19.27 -9.47 -5.69
C GLY A 145 18.05 -9.13 -4.87
N ARG A 146 17.11 -8.38 -5.41
CA ARG A 146 15.86 -8.11 -4.72
C ARG A 146 14.68 -8.46 -5.61
N ASP A 147 14.81 -9.53 -6.36
CA ASP A 147 13.70 -9.87 -7.25
C ASP A 147 12.55 -10.58 -6.54
N ASP A 148 12.65 -10.89 -5.24
CA ASP A 148 11.51 -11.36 -4.46
C ASP A 148 10.88 -10.25 -3.64
N HIS A 149 11.36 -9.02 -3.77
CA HIS A 149 10.70 -7.87 -3.18
C HIS A 149 9.52 -7.42 -4.03
N PRO A 150 8.55 -6.69 -3.44
CA PRO A 150 7.50 -6.10 -4.26
C PRO A 150 8.08 -5.16 -5.31
N VAL A 151 7.53 -5.21 -6.53
CA VAL A 151 7.88 -4.21 -7.54
C VAL A 151 7.30 -2.85 -7.17
N VAL A 152 8.04 -1.76 -7.47
CA VAL A 152 7.62 -0.39 -7.16
C VAL A 152 7.72 0.51 -8.42
N HIS A 153 7.38 1.78 -8.26
CA HIS A 153 7.25 2.73 -9.39
C HIS A 153 6.23 2.22 -10.38
N ILE A 154 5.17 1.61 -9.85
CA ILE A 154 4.04 1.14 -10.66
C ILE A 154 2.95 2.22 -10.64
N SER A 155 2.58 2.71 -11.82
CA SER A 155 1.45 3.59 -11.97
C SER A 155 0.15 2.78 -11.97
N PHE A 156 -0.98 3.48 -11.86
CA PHE A 156 -2.25 2.77 -11.89
C PHE A 156 -2.39 1.99 -13.20
N ALA A 157 -1.98 2.58 -14.32
CA ALA A 157 -2.08 1.88 -15.61
C ALA A 157 -1.15 0.69 -15.70
N ASP A 158 0.09 0.83 -15.18
CA ASP A 158 1.01 -0.31 -15.15
C ASP A 158 0.38 -1.48 -14.42
N ALA A 159 -0.24 -1.20 -13.28
CA ALA A 159 -0.83 -2.25 -12.47
C ALA A 159 -1.96 -2.94 -13.23
N GLU A 160 -2.81 -2.14 -13.89
CA GLU A 160 -3.89 -2.73 -14.68
C GLU A 160 -3.37 -3.50 -15.88
N ALA A 161 -2.31 -3.00 -16.54
CA ALA A 161 -1.74 -3.76 -17.66
C ALA A 161 -1.23 -5.13 -17.20
N TYR A 162 -0.45 -5.15 -16.11
CA TYR A 162 0.04 -6.43 -15.62
C TYR A 162 -1.11 -7.37 -15.26
N ALA A 163 -2.03 -6.87 -14.43
CA ALA A 163 -3.14 -7.70 -13.99
C ALA A 163 -3.88 -8.29 -15.19
N ARG A 164 -4.16 -7.45 -16.19
CA ARG A 164 -4.80 -7.92 -17.42
C ARG A 164 -4.00 -9.03 -18.08
N TRP A 165 -2.68 -8.81 -18.28
CA TRP A 165 -1.82 -9.86 -18.84
C TRP A 165 -1.87 -11.13 -18.01
N ALA A 166 -1.91 -11.01 -16.68
CA ALA A 166 -1.97 -12.22 -15.85
C ALA A 166 -3.33 -12.91 -15.85
N GLY A 167 -4.33 -12.40 -16.58
CA GLY A 167 -5.66 -12.98 -16.50
C GLY A 167 -6.41 -12.60 -15.24
N ARG A 168 -6.06 -11.48 -14.63
CA ARG A 168 -6.62 -11.10 -13.35
C ARG A 168 -7.00 -9.64 -13.44
N ARG A 169 -6.98 -8.97 -12.30
CA ARG A 169 -7.40 -7.58 -12.18
C ARG A 169 -6.90 -7.09 -10.84
N LEU A 170 -7.06 -5.80 -10.61
CA LEU A 170 -6.78 -5.30 -9.29
C LEU A 170 -7.92 -5.65 -8.34
N PRO A 171 -7.64 -5.73 -7.05
CA PRO A 171 -8.72 -5.76 -6.06
C PRO A 171 -9.46 -4.45 -6.03
N THR A 172 -10.75 -4.53 -5.70
CA THR A 172 -11.43 -3.33 -5.23
C THR A 172 -11.00 -3.01 -3.80
N GLU A 173 -11.30 -1.78 -3.37
CA GLU A 173 -11.00 -1.39 -2.00
C GLU A 173 -11.70 -2.32 -1.02
N SER A 174 -12.93 -2.73 -1.34
CA SER A 174 -13.65 -3.56 -0.39
C SER A 174 -13.03 -4.93 -0.30
N GLU A 175 -12.63 -5.49 -1.45
CA GLU A 175 -11.99 -6.79 -1.46
C GLU A 175 -10.68 -6.74 -0.72
N TRP A 176 -9.96 -5.61 -0.83
CA TRP A 176 -8.67 -5.47 -0.15
C TRP A 176 -8.85 -5.42 1.36
N GLU A 177 -9.77 -4.57 1.83
CA GLU A 177 -9.93 -4.45 3.27
C GLU A 177 -10.45 -5.75 3.88
N ARG A 178 -11.46 -6.37 3.26
CA ARG A 178 -11.97 -7.64 3.77
C ARG A 178 -10.86 -8.68 3.88
N ALA A 179 -9.97 -8.75 2.89
CA ALA A 179 -8.84 -9.68 2.98
C ALA A 179 -7.87 -9.29 4.06
N ALA A 180 -7.78 -8.01 4.39
CA ALA A 180 -6.87 -7.58 5.45
C ALA A 180 -7.43 -7.83 6.84
N THR A 181 -8.64 -7.34 7.11
CA THR A 181 -9.17 -7.40 8.48
C THR A 181 -9.84 -8.73 8.82
N GLY A 182 -10.18 -9.54 7.85
CA GLY A 182 -10.91 -10.76 8.12
C GLY A 182 -12.39 -10.51 8.27
N PRO A 183 -13.13 -11.51 8.75
CA PRO A 183 -14.60 -11.38 8.81
C PRO A 183 -15.11 -10.52 9.97
N SER A 184 -14.25 -10.10 10.91
CA SER A 184 -14.68 -9.15 11.94
C SER A 184 -13.66 -8.00 12.03
N TYR A 185 -14.08 -6.91 12.63
CA TYR A 185 -13.26 -5.71 12.68
C TYR A 185 -12.02 -5.96 13.54
N ARG A 186 -10.83 -5.67 12.97
CA ARG A 186 -9.61 -5.56 13.76
C ARG A 186 -8.73 -4.44 13.20
N LEU A 187 -7.90 -3.86 14.09
CA LEU A 187 -7.03 -2.74 13.70
C LEU A 187 -6.02 -3.15 12.62
N TRP A 188 -5.35 -4.28 12.84
CA TRP A 188 -4.34 -4.84 11.94
C TRP A 188 -4.72 -6.28 11.62
N PRO A 189 -4.11 -6.88 10.59
CA PRO A 189 -4.58 -8.20 10.15
C PRO A 189 -4.49 -9.25 11.22
N TRP A 190 -3.51 -9.14 12.13
CA TRP A 190 -3.32 -10.12 13.18
C TRP A 190 -4.11 -9.82 14.44
N GLY A 191 -4.79 -8.69 14.53
CA GLY A 191 -5.60 -8.39 15.68
C GLY A 191 -5.42 -6.95 16.11
N ASP A 192 -5.74 -6.69 17.38
CA ASP A 192 -5.79 -5.33 17.90
C ASP A 192 -4.55 -4.94 18.70
N THR A 193 -3.59 -5.82 18.90
CA THR A 193 -2.41 -5.49 19.68
C THR A 193 -1.20 -5.28 18.75
N TRP A 194 -0.61 -4.09 18.79
CA TRP A 194 0.51 -3.82 17.91
C TRP A 194 1.69 -4.69 18.29
N ASP A 195 2.44 -5.11 17.28
CA ASP A 195 3.71 -5.83 17.46
C ASP A 195 4.58 -5.42 16.29
N SER A 196 5.67 -4.71 16.56
CA SER A 196 6.54 -4.23 15.50
C SER A 196 7.27 -5.35 14.78
N ARG A 197 7.26 -6.56 15.31
CA ARG A 197 7.90 -7.66 14.61
C ARG A 197 7.05 -8.24 13.50
N ASN A 198 5.78 -7.84 13.35
CA ASN A 198 4.87 -8.56 12.48
C ASN A 198 4.84 -8.05 11.06
N ALA A 199 5.53 -6.94 10.77
CA ALA A 199 5.49 -6.36 9.44
C ALA A 199 6.66 -5.43 9.23
N ASN A 200 6.86 -5.04 7.97
CA ASN A 200 7.91 -4.08 7.59
C ASN A 200 7.36 -2.68 7.71
N THR A 201 7.59 -2.03 8.86
CA THR A 201 7.20 -0.64 9.04
C THR A 201 8.31 0.08 9.81
N ALA A 202 8.18 1.40 9.86
CA ALA A 202 9.14 2.23 10.59
C ALA A 202 9.14 1.95 12.09
N GLU A 203 8.08 1.35 12.62
CA GLU A 203 8.06 0.98 14.03
C GLU A 203 9.25 0.09 14.36
N HIS A 204 9.59 -0.85 13.48
CA HIS A 204 10.73 -1.73 13.76
C HIS A 204 12.03 -0.93 13.81
N THR A 205 12.24 -0.09 12.79
CA THR A 205 13.46 0.70 12.71
C THR A 205 13.58 1.64 13.90
N ALA A 206 12.51 2.36 14.22
CA ALA A 206 12.59 3.27 15.34
C ALA A 206 12.84 2.52 16.62
N GLY A 207 12.23 1.36 16.79
CA GLY A 207 12.44 0.61 18.00
C GLY A 207 13.86 0.09 18.09
N ALA A 208 14.41 -0.33 16.94
CA ALA A 208 15.78 -0.85 16.90
C ALA A 208 16.79 0.21 17.31
N LEU A 209 16.54 1.48 16.94
CA LEU A 209 17.46 2.57 17.25
C LEU A 209 17.26 3.13 18.65
N GLY A 210 16.21 2.69 19.35
CA GLY A 210 16.06 2.99 20.76
C GLY A 210 15.00 4.02 21.05
N ASP A 211 14.86 5.01 20.18
CA ASP A 211 13.87 6.06 20.38
C ASP A 211 13.66 6.79 19.07
N LEU A 212 12.59 7.59 19.05
CA LEU A 212 12.21 8.32 17.85
C LEU A 212 13.24 9.39 17.49
N ASP A 213 13.89 9.99 18.50
CA ASP A 213 14.94 10.97 18.20
C ASP A 213 16.07 10.32 17.43
N ALA A 214 16.60 9.19 17.92
CA ALA A 214 17.63 8.48 17.18
C ALA A 214 17.13 8.10 15.79
N TRP A 215 15.86 7.71 15.67
CA TRP A 215 15.31 7.43 14.35
C TRP A 215 15.38 8.67 13.47
N ARG A 216 15.09 9.84 14.04
CA ARG A 216 15.11 11.07 13.26
C ARG A 216 16.53 11.42 12.85
N THR A 217 17.50 11.22 13.74
CA THR A 217 18.91 11.37 13.37
C THR A 217 19.31 10.39 12.27
N TRP A 218 18.88 9.13 12.39
CA TRP A 218 19.21 8.13 11.37
C TRP A 218 18.64 8.52 10.03
N TRP A 219 17.40 8.99 10.01
CA TRP A 219 16.80 9.47 8.77
C TRP A 219 17.71 10.49 8.08
N GLY A 220 18.20 11.48 8.84
CA GLY A 220 19.12 12.45 8.26
C GLY A 220 20.37 11.80 7.72
N ALA A 221 21.02 10.97 8.53
CA ALA A 221 22.28 10.37 8.08
C ALA A 221 22.10 9.58 6.79
N ILE A 222 21.04 8.79 6.67
CA ILE A 222 20.97 7.91 5.50
C ILE A 222 20.67 8.70 4.22
N HIS A 223 20.21 9.95 4.35
CA HIS A 223 19.99 10.78 3.18
C HIS A 223 21.17 11.71 2.89
N ALA A 224 22.07 11.88 3.85
CA ALA A 224 23.37 12.43 3.51
C ALA A 224 24.25 11.37 2.84
N VAL A 225 24.42 10.22 3.51
CA VAL A 225 25.08 9.06 2.89
C VAL A 225 24.55 8.83 1.47
N GLN A 226 23.31 9.25 1.21
CA GLN A 226 22.71 9.08 -0.11
C GLN A 226 22.68 7.61 -0.50
N GLY A 227 23.15 6.74 0.40
CA GLY A 227 23.32 5.32 0.13
C GLY A 227 22.06 4.66 -0.38
N PRO A 228 21.44 3.82 0.46
CA PRO A 228 20.26 3.07 0.02
C PRO A 228 19.07 3.98 -0.29
N MET A 229 18.04 3.38 -0.93
CA MET A 229 16.73 4.04 -0.96
C MET A 229 15.65 3.00 -0.58
N PRO A 230 14.85 2.43 -1.48
CA PRO A 230 13.65 1.70 -1.01
C PRO A 230 14.02 0.58 -0.03
N GLN A 231 13.38 0.61 1.13
CA GLN A 231 13.63 -0.35 2.22
C GLN A 231 12.51 -1.39 2.29
N THR A 232 12.31 -2.05 1.17
CA THR A 232 11.32 -3.12 1.06
C THR A 232 11.88 -4.41 1.66
N THR A 233 11.00 -5.37 1.87
CA THR A 233 11.37 -6.70 2.37
C THR A 233 10.76 -7.73 1.43
N PRO A 234 11.33 -8.92 1.35
CA PRO A 234 10.78 -9.93 0.45
C PRO A 234 9.33 -10.24 0.76
N VAL A 235 8.56 -10.56 -0.28
CA VAL A 235 7.15 -10.86 -0.06
C VAL A 235 7.05 -12.11 0.82
N GLY A 236 6.14 -12.04 1.79
CA GLY A 236 5.94 -13.14 2.71
C GLY A 236 7.00 -13.33 3.75
N ALA A 237 7.91 -12.36 3.92
CA ALA A 237 8.97 -12.48 4.91
C ALA A 237 8.42 -12.64 6.33
N PHE A 238 7.30 -12.01 6.65
CA PHE A 238 6.73 -12.00 7.99
C PHE A 238 5.56 -12.98 8.15
N SER A 239 5.47 -13.94 7.26
CA SER A 239 4.45 -14.97 7.41
C SER A 239 4.99 -16.08 8.31
N PRO A 240 4.15 -16.66 9.16
CA PRO A 240 2.70 -16.42 9.28
C PRO A 240 2.24 -15.34 10.25
N ARG A 241 3.12 -14.76 11.06
CA ARG A 241 2.63 -14.02 12.22
C ARG A 241 1.92 -12.73 11.82
N GLY A 242 2.28 -12.13 10.69
CA GLY A 242 1.68 -10.89 10.25
C GLY A 242 0.59 -11.05 9.21
N ASP A 243 0.25 -12.29 8.85
CA ASP A 243 -0.72 -12.58 7.82
C ASP A 243 -2.14 -12.29 8.30
N SER A 244 -3.04 -12.12 7.34
CA SER A 244 -4.46 -11.97 7.67
C SER A 244 -5.06 -13.34 7.93
N VAL A 245 -6.28 -13.36 8.47
CA VAL A 245 -6.86 -14.65 8.84
C VAL A 245 -7.01 -15.56 7.62
N ASP A 246 -7.29 -15.00 6.44
CA ASP A 246 -7.40 -15.81 5.22
C ASP A 246 -6.08 -16.10 4.52
N GLY A 247 -4.95 -15.61 5.02
CA GLY A 247 -3.67 -16.01 4.49
C GLY A 247 -2.91 -14.99 3.65
N CYS A 248 -3.36 -13.74 3.58
CA CYS A 248 -2.64 -12.74 2.81
C CYS A 248 -1.45 -12.20 3.60
N ALA A 249 -0.33 -12.06 2.93
CA ALA A 249 0.88 -11.55 3.55
C ALA A 249 1.11 -10.09 3.17
N ASP A 250 1.76 -9.34 4.08
CA ASP A 250 2.17 -7.96 3.86
C ASP A 250 0.99 -7.02 3.56
N MET A 251 -0.18 -7.30 4.14
CA MET A 251 -1.27 -6.31 4.09
C MET A 251 -1.00 -5.11 5.00
N THR A 252 0.07 -5.19 5.76
CA THR A 252 0.56 -4.13 6.63
C THR A 252 1.97 -3.80 6.17
N GLY A 253 2.20 -2.54 5.82
CA GLY A 253 3.52 -2.05 5.48
C GLY A 253 4.09 -2.57 4.17
N ASN A 254 5.43 -2.54 4.11
CA ASN A 254 6.24 -2.89 2.94
C ASN A 254 6.01 -1.87 1.83
N VAL A 255 5.04 -2.08 0.93
CA VAL A 255 4.71 -1.05 -0.06
C VAL A 255 3.22 -0.72 0.01
N TYR A 256 2.90 0.52 -0.37
CA TYR A 256 1.52 0.89 -0.71
C TYR A 256 1.01 0.01 -1.84
N GLU A 257 -0.33 -0.17 -1.93
CA GLU A 257 -0.93 -0.98 -2.98
C GLU A 257 -2.10 -0.26 -3.66
N TRP A 258 -2.08 -0.24 -4.99
CA TRP A 258 -3.23 0.23 -5.75
C TRP A 258 -4.40 -0.71 -5.55
N THR A 259 -5.61 -0.14 -5.54
CA THR A 259 -6.87 -0.84 -5.79
C THR A 259 -7.56 -0.19 -7.00
N SER A 260 -8.62 -0.83 -7.48
CA SER A 260 -9.36 -0.29 -8.62
C SER A 260 -10.37 0.76 -8.22
N THR A 261 -10.55 1.03 -6.92
CA THR A 261 -11.68 1.82 -6.46
C THR A 261 -11.43 3.31 -6.58
N LEU A 262 -12.34 4.01 -7.25
CA LEU A 262 -12.32 5.46 -7.29
C LEU A 262 -12.67 6.06 -5.92
N ALA A 263 -11.91 7.06 -5.50
CA ALA A 263 -12.07 7.63 -4.19
C ALA A 263 -13.51 8.08 -3.98
N HIS A 264 -14.11 7.66 -2.86
CA HIS A 264 -15.46 8.05 -2.50
C HIS A 264 -15.59 8.06 -1.00
N LEU A 265 -16.54 8.86 -0.50
CA LEU A 265 -16.88 8.89 0.92
C LEU A 265 -17.87 7.79 1.22
N TYR A 266 -17.81 7.24 2.45
CA TYR A 266 -18.71 6.17 2.84
C TYR A 266 -20.11 6.67 3.17
N SER A 267 -20.25 7.96 3.49
CA SER A 267 -21.52 8.65 3.63
C SER A 267 -21.40 10.02 2.98
N PRO A 268 -22.45 10.53 2.34
CA PRO A 268 -22.39 11.89 1.79
C PRO A 268 -22.14 12.95 2.83
N ALA A 269 -22.35 12.66 4.10
CA ALA A 269 -22.16 13.64 5.15
C ALA A 269 -20.78 13.57 5.81
N THR A 270 -19.95 12.61 5.44
CA THR A 270 -18.62 12.53 6.05
C THR A 270 -17.82 13.77 5.70
N ARG A 271 -17.07 14.29 6.67
CA ARG A 271 -16.23 15.47 6.50
C ARG A 271 -14.78 15.17 6.87
N CYS A 272 -13.87 15.46 5.94
CA CYS A 272 -12.45 15.16 6.09
C CYS A 272 -11.65 16.42 5.80
N ASP A 273 -10.33 16.30 5.92
CA ASP A 273 -9.48 17.39 5.47
C ASP A 273 -9.85 17.77 4.04
N PRO A 274 -9.86 19.07 3.71
CA PRO A 274 -10.21 19.48 2.34
C PRO A 274 -9.34 18.86 1.26
N THR A 275 -8.06 18.57 1.56
CA THR A 275 -7.21 17.92 0.56
C THR A 275 -7.74 16.53 0.24
N ILE A 276 -8.41 15.88 1.18
CA ILE A 276 -9.04 14.59 0.86
C ILE A 276 -10.25 14.79 -0.04
N HIS A 277 -11.14 15.72 0.31
CA HIS A 277 -12.30 15.92 -0.54
C HIS A 277 -11.86 16.26 -1.97
N LEU A 278 -10.73 16.95 -2.11
CA LEU A 278 -10.30 17.43 -3.41
C LEU A 278 -10.06 16.29 -4.39
N VAL A 279 -9.73 15.09 -3.89
CA VAL A 279 -9.40 13.99 -4.80
C VAL A 279 -10.55 13.01 -4.93
N MET A 280 -11.68 13.27 -4.29
CA MET A 280 -12.81 12.37 -4.39
C MET A 280 -13.35 12.37 -5.82
N GLY A 281 -13.72 11.17 -6.29
CA GLY A 281 -14.10 11.01 -7.68
C GLY A 281 -12.97 11.14 -8.68
N ARG A 282 -11.71 11.24 -8.24
CA ARG A 282 -10.60 11.46 -9.15
C ARG A 282 -9.44 10.50 -8.90
N SER A 283 -8.97 10.44 -7.66
CA SER A 283 -7.91 9.50 -7.38
C SER A 283 -8.45 8.08 -7.22
N ARG A 284 -7.54 7.09 -7.33
CA ARG A 284 -7.89 5.71 -6.96
C ARG A 284 -7.34 5.43 -5.58
N VAL A 285 -7.98 4.52 -4.86
CA VAL A 285 -7.64 4.26 -3.47
C VAL A 285 -6.36 3.42 -3.42
N ILE A 286 -5.47 3.78 -2.49
CA ILE A 286 -4.23 3.07 -2.21
C ILE A 286 -4.26 2.55 -0.77
N ARG A 287 -3.88 1.30 -0.57
CA ARG A 287 -4.07 0.65 0.74
C ARG A 287 -2.77 0.08 1.30
N GLY A 288 -2.81 -0.14 2.63
CA GLY A 288 -1.83 -0.94 3.32
C GLY A 288 -0.64 -0.20 3.88
N GLY A 289 -0.50 1.10 3.62
CA GLY A 289 0.71 1.78 4.09
C GLY A 289 1.99 1.16 3.50
N SER A 290 3.12 1.64 4.01
CA SER A 290 4.42 1.33 3.44
C SER A 290 5.48 1.15 4.54
N TRP A 291 6.68 0.77 4.14
CA TRP A 291 7.77 0.65 5.11
C TRP A 291 8.02 1.96 5.84
N MET A 292 7.61 3.09 5.28
CA MET A 292 7.91 4.39 5.87
C MET A 292 6.97 4.78 6.99
N ASN A 293 5.84 4.10 7.12
CA ASN A 293 4.77 4.45 8.03
C ASN A 293 4.96 3.81 9.40
N PHE A 294 4.36 4.44 10.42
CA PHE A 294 4.18 3.89 11.74
C PHE A 294 2.82 3.18 11.85
N ARG A 295 2.52 2.64 13.03
CA ARG A 295 1.41 1.69 13.14
C ARG A 295 0.07 2.28 12.70
N TYR A 296 -0.15 3.58 12.91
CA TYR A 296 -1.49 4.12 12.71
C TYR A 296 -1.85 4.23 11.23
N GLN A 297 -0.86 4.42 10.37
CA GLN A 297 -1.13 4.50 8.94
C GLN A 297 -0.97 3.16 8.23
N VAL A 298 -0.92 2.04 8.95
CA VAL A 298 -0.90 0.72 8.32
C VAL A 298 -2.07 -0.17 8.79
N ARG A 299 -3.05 0.42 9.45
CA ARG A 299 -4.28 -0.29 9.80
C ARG A 299 -5.02 -0.81 8.56
N CYS A 300 -5.80 -1.87 8.76
CA CYS A 300 -6.56 -2.50 7.68
C CYS A 300 -7.48 -1.51 6.99
N ALA A 301 -8.04 -0.57 7.75
CA ALA A 301 -9.04 0.33 7.25
C ALA A 301 -8.44 1.64 6.75
N GLU A 302 -7.14 1.85 6.93
N GLU A 302 -7.15 1.84 6.93
CA GLU A 302 -6.55 3.09 6.49
CA GLU A 302 -6.52 3.08 6.49
C GLU A 302 -6.78 3.27 4.99
C GLU A 302 -6.76 3.27 4.99
N ARG A 303 -7.14 4.48 4.62
CA ARG A 303 -7.38 4.84 3.23
C ARG A 303 -6.38 5.90 2.83
N LEU A 304 -5.89 5.77 1.60
CA LEU A 304 -4.98 6.72 0.98
C LEU A 304 -5.40 6.82 -0.48
N TYR A 305 -4.96 7.85 -1.18
CA TYR A 305 -5.42 8.12 -2.55
C TYR A 305 -4.26 8.48 -3.46
N GLY A 306 -4.29 8.02 -4.69
CA GLY A 306 -3.23 8.28 -5.64
C GLY A 306 -3.74 8.72 -7.00
N ASP A 307 -3.00 9.64 -7.61
CA ASP A 307 -3.30 10.10 -8.96
C ASP A 307 -3.12 8.98 -9.95
N PRO A 308 -4.18 8.53 -10.62
CA PRO A 308 -4.09 7.38 -11.51
C PRO A 308 -3.59 7.69 -12.91
N THR A 309 -3.13 8.90 -13.17
CA THR A 309 -2.84 9.30 -14.54
C THR A 309 -1.39 9.08 -14.97
N GLY A 310 -0.60 8.32 -14.22
CA GLY A 310 0.79 8.06 -14.58
C GLY A 310 1.77 8.19 -13.43
N TRP A 311 1.38 8.94 -12.39
CA TRP A 311 2.21 9.12 -11.22
C TRP A 311 2.56 7.78 -10.57
N SER A 312 3.74 7.72 -9.95
CA SER A 312 4.19 6.56 -9.19
C SER A 312 5.25 7.00 -8.20
N ASN A 313 5.66 6.07 -7.33
CA ASN A 313 6.73 6.35 -6.39
C ASN A 313 7.42 5.06 -5.98
N PHE A 314 8.59 5.20 -5.32
CA PHE A 314 9.48 4.09 -5.00
C PHE A 314 8.96 3.22 -3.86
N ALA A 315 7.73 3.47 -3.37
CA ALA A 315 7.15 2.66 -2.32
C ALA A 315 5.75 2.17 -2.67
N LEU A 316 5.37 2.23 -3.95
CA LEU A 316 4.00 1.93 -4.39
C LEU A 316 4.01 0.78 -5.38
N GLY A 317 3.32 -0.31 -5.02
CA GLY A 317 3.17 -1.52 -5.80
C GLY A 317 1.72 -1.93 -5.88
N PHE A 318 1.48 -3.24 -5.91
CA PHE A 318 0.12 -3.75 -6.04
C PHE A 318 0.11 -5.26 -5.86
N ARG A 319 -1.10 -5.79 -5.69
CA ARG A 319 -1.34 -7.21 -5.93
C ARG A 319 -2.58 -7.35 -6.77
N CYS A 320 -2.85 -8.58 -7.21
CA CYS A 320 -3.98 -8.87 -8.07
C CYS A 320 -5.06 -9.61 -7.30
N ALA A 321 -6.24 -9.59 -7.89
CA ALA A 321 -7.37 -10.38 -7.45
C ALA A 321 -8.07 -10.95 -8.69
N ARG A 322 -9.09 -11.77 -8.44
CA ARG A 322 -9.80 -12.42 -9.53
C ARG A 322 -11.14 -12.94 -9.04
N ASP A 323 -12.13 -12.87 -9.91
CA ASP A 323 -13.39 -13.57 -9.61
C ASP A 323 -13.10 -15.07 -9.48
N VAL A 324 -13.93 -15.78 -8.74
CA VAL A 324 -13.70 -17.21 -8.59
C VAL A 324 -13.78 -17.90 -9.96
N THR A 325 -14.79 -17.58 -10.73
CA THR A 325 -14.86 -18.03 -12.11
C THR A 325 -14.68 -16.80 -12.99
N ALA A 326 -13.63 -16.83 -13.82
CA ALA A 326 -13.41 -15.80 -14.81
C ALA A 326 -12.86 -16.41 -16.10
N HIS B 10 0.87 18.84 -13.70
CA HIS B 10 0.72 18.72 -12.21
C HIS B 10 0.07 17.39 -11.80
N SER B 11 0.38 16.94 -10.59
CA SER B 11 -0.07 15.64 -10.07
C SER B 11 -0.44 15.80 -8.60
N SER B 12 -1.57 15.22 -8.20
CA SER B 12 -1.96 15.24 -6.79
C SER B 12 -1.13 14.28 -5.95
N GLY B 13 -0.31 13.45 -6.58
CA GLY B 13 0.54 12.54 -5.84
C GLY B 13 -0.24 11.67 -4.87
N LEU B 14 0.30 11.56 -3.66
CA LEU B 14 -0.28 10.81 -2.57
C LEU B 14 -1.09 11.75 -1.71
N VAL B 15 -2.35 11.41 -1.47
CA VAL B 15 -3.22 12.24 -0.63
C VAL B 15 -3.85 11.37 0.45
N PRO B 16 -3.94 11.83 1.72
CA PRO B 16 -3.37 13.09 2.22
C PRO B 16 -1.85 13.01 2.36
N ARG B 17 -1.18 14.15 2.28
CA ARG B 17 0.28 14.16 2.16
C ARG B 17 0.95 14.33 3.52
#